data_3H2Z
#
_entry.id   3H2Z
#
_cell.length_a   151.092
_cell.length_b   151.092
_cell.length_c   92.179
_cell.angle_alpha   90.00
_cell.angle_beta   90.00
_cell.angle_gamma   90.00
#
_symmetry.space_group_name_H-M   'I 4 2 2'
#
loop_
_entity.id
_entity.type
_entity.pdbx_description
1 polymer 'Mannitol-1-phosphate 5-dehydrogenase'
2 non-polymer 'ACETATE ION'
3 non-polymer GLYCEROL
4 non-polymer 'SODIUM ION'
5 non-polymer 'PHOSPHATE ION'
6 water water
#
_entity_poly.entity_id   1
_entity_poly.type   'polypeptide(L)'
_entity_poly.pdbx_seq_one_letter_code
;(MSE)KALHFGAGNIGRGFIGKLLADAGIQLTFADVNQVVLDALNARHSYQVHVVGETEQVDTVSGVNAVSSIGDDVVDL
IAQVDLVTTAVGPVVLERIAPAIAKGLVKRKEQGNESPLNIIACEN(MSE)VRGTTQLKGHV(MSE)NALPEDAKAWVEE
HVGFVDSAVDRIVPPSASATNDPLEVTVETFSEWIVDKTQFKGALPNIPG(MSE)ELTDNL(MSE)AFVERKLFTLNTGH
AITAYLGKLAGHQTIRDAILDEKIRAVVKGA(MSE)EESGAVLIKRYGFDADKHAAYIQKILGRFENPYLKDDVERVGRQ
PLRKLSAGDRLIKPLLGTLEYSLPHKNLIQGIAGA(MSE)HFRSEDDPQAQELAALIADKGPQAALAQISGLDANSEVVS
EAVTAYKA(MSE)Q
;
_entity_poly.pdbx_strand_id   A
#
# COMPACT_ATOMS: atom_id res chain seq x y z
N LYS A 2 15.79 9.93 15.94
CA LYS A 2 14.67 10.83 15.84
C LYS A 2 14.08 10.64 14.43
N ALA A 3 12.76 10.65 14.35
CA ALA A 3 12.07 10.52 13.07
C ALA A 3 10.92 11.51 12.96
N LEU A 4 10.66 11.95 11.75
CA LEU A 4 9.50 12.77 11.45
C LEU A 4 8.67 11.95 10.46
N HIS A 5 7.38 11.77 10.75
CA HIS A 5 6.51 11.02 9.84
C HIS A 5 5.43 11.98 9.31
N PHE A 6 5.38 12.18 7.98
CA PHE A 6 4.30 12.96 7.40
C PHE A 6 3.07 12.05 7.18
N GLY A 7 1.92 12.48 7.68
CA GLY A 7 0.65 11.83 7.42
C GLY A 7 0.24 11.08 8.66
N ALA A 8 -0.53 11.75 9.53
CA ALA A 8 -1.01 11.12 10.78
C ALA A 8 -2.41 10.55 10.60
N GLY A 9 -2.63 9.89 9.47
CA GLY A 9 -3.89 9.21 9.20
C GLY A 9 -3.79 7.79 9.77
N ASN A 10 -4.71 6.94 9.34
CA ASN A 10 -4.81 5.61 9.93
C ASN A 10 -3.54 4.79 9.69
N ILE A 11 -3.01 4.88 8.49
CA ILE A 11 -1.77 4.18 8.17
C ILE A 11 -0.60 4.73 8.99
N GLY A 12 -0.49 6.06 9.05
CA GLY A 12 0.62 6.65 9.81
C GLY A 12 0.58 6.26 11.29
N ARG A 13 -0.61 6.37 11.89
CA ARG A 13 -0.71 6.13 13.32
C ARG A 13 -0.66 4.63 13.65
N GLY A 14 -1.31 3.83 12.81
CA GLY A 14 -1.50 2.41 13.14
C GLY A 14 -0.41 1.46 12.61
N PHE A 15 0.45 1.97 11.75
CA PHE A 15 1.43 1.08 11.11
C PHE A 15 2.85 1.72 11.12
N ILE A 16 3.09 2.73 10.30
CA ILE A 16 4.45 3.26 10.14
C ILE A 16 4.92 3.97 11.42
N GLY A 17 4.18 4.97 11.88
CA GLY A 17 4.53 5.67 13.14
C GLY A 17 4.57 4.70 14.32
N LYS A 18 3.64 3.77 14.33
CA LYS A 18 3.58 2.78 15.40
C LYS A 18 4.91 2.00 15.47
N LEU A 19 5.35 1.46 14.34
CA LEU A 19 6.61 0.72 14.33
C LEU A 19 7.84 1.55 14.71
N LEU A 20 7.89 2.79 14.23
CA LEU A 20 8.94 3.71 14.61
C LEU A 20 8.94 3.97 16.12
N ALA A 21 7.78 4.32 16.69
CA ALA A 21 7.73 4.60 18.12
C ALA A 21 8.02 3.33 18.93
N ASP A 22 7.48 2.19 18.48
CA ASP A 22 7.74 0.90 19.15
C ASP A 22 9.23 0.52 19.16
N ALA A 23 9.98 1.01 18.17
CA ALA A 23 11.42 0.78 18.09
C ALA A 23 12.18 1.69 19.05
N GLY A 24 11.51 2.60 19.72
CA GLY A 24 12.19 3.50 20.65
C GLY A 24 12.70 4.77 19.98
N ILE A 25 12.31 4.99 18.72
CA ILE A 25 12.64 6.23 18.02
C ILE A 25 11.75 7.39 18.52
N GLN A 26 12.36 8.54 18.77
CA GLN A 26 11.63 9.76 19.14
C GLN A 26 10.88 10.24 17.93
N LEU A 27 9.56 10.09 17.96
CA LEU A 27 8.73 10.32 16.76
C LEU A 27 7.90 11.62 16.81
N THR A 28 7.98 12.40 15.74
CA THR A 28 7.07 13.53 15.55
C THR A 28 6.24 13.29 14.29
N PHE A 29 4.91 13.47 14.41
CA PHE A 29 4.05 13.41 13.21
C PHE A 29 3.94 14.80 12.62
N ALA A 30 3.81 14.89 11.29
CA ALA A 30 3.46 16.15 10.66
C ALA A 30 2.16 15.95 9.89
N ASP A 31 1.22 16.87 10.04
CA ASP A 31 -0.09 16.80 9.35
C ASP A 31 -0.69 18.19 9.22
N VAL A 32 -1.78 18.30 8.46
CA VAL A 32 -2.53 19.57 8.42
C VAL A 32 -3.82 19.53 9.22
N ASN A 33 -4.24 18.34 9.68
CA ASN A 33 -5.48 18.19 10.45
C ASN A 33 -5.27 18.67 11.92
N GLN A 34 -5.78 19.86 12.28
CA GLN A 34 -5.49 20.46 13.57
C GLN A 34 -6.01 19.62 14.75
N VAL A 35 -7.15 18.95 14.56
CA VAL A 35 -7.71 18.10 15.60
C VAL A 35 -6.74 16.97 15.97
N VAL A 36 -6.14 16.35 14.95
CA VAL A 36 -5.22 15.25 15.18
C VAL A 36 -3.92 15.79 15.77
N LEU A 37 -3.44 16.93 15.27
CA LEU A 37 -2.23 17.58 15.82
C LEU A 37 -2.40 17.88 17.32
N ASP A 38 -3.52 18.52 17.67
CA ASP A 38 -3.76 18.87 19.06
C ASP A 38 -3.91 17.62 19.94
N ALA A 39 -4.61 16.59 19.46
CA ALA A 39 -4.80 15.36 20.24
C ALA A 39 -3.42 14.72 20.50
N LEU A 40 -2.56 14.65 19.46
CA LEU A 40 -1.24 14.05 19.68
C LEU A 40 -0.38 14.86 20.64
N ASN A 41 -0.39 16.18 20.51
CA ASN A 41 0.37 17.02 21.43
C ASN A 41 -0.22 17.09 22.85
N ALA A 42 -1.51 16.83 22.96
CA ALA A 42 -2.15 16.87 24.26
C ALA A 42 -1.85 15.61 25.09
N ARG A 43 -1.90 14.46 24.44
N ARG A 43 -1.89 14.48 24.42
CA ARG A 43 -1.86 13.18 25.13
CA ARG A 43 -1.87 13.16 25.06
C ARG A 43 -0.53 12.43 24.94
C ARG A 43 -0.47 12.56 25.01
N HIS A 44 0.24 12.82 23.92
CA HIS A 44 1.54 12.15 23.57
C HIS A 44 1.50 10.66 23.39
N SER A 45 0.29 10.10 23.33
CA SER A 45 0.10 8.68 23.17
C SER A 45 -1.30 8.40 22.65
N TYR A 46 -1.49 7.17 22.14
CA TYR A 46 -2.80 6.72 21.67
C TYR A 46 -2.81 5.19 21.65
N GLN A 47 -4.00 4.62 21.42
CA GLN A 47 -4.20 3.18 21.44
C GLN A 47 -4.38 2.68 20.02
N VAL A 48 -3.73 1.57 19.71
CA VAL A 48 -3.94 0.91 18.43
C VAL A 48 -4.55 -0.46 18.77
N HIS A 49 -5.73 -0.75 18.25
CA HIS A 49 -6.32 -2.07 18.41
C HIS A 49 -5.71 -2.98 17.33
N VAL A 50 -4.94 -3.97 17.75
CA VAL A 50 -4.28 -4.89 16.81
C VAL A 50 -5.04 -6.21 16.85
N VAL A 51 -5.72 -6.55 15.75
CA VAL A 51 -6.75 -7.60 15.78
C VAL A 51 -6.48 -8.71 14.75
N GLY A 52 -6.67 -9.97 15.14
CA GLY A 52 -6.45 -11.14 14.21
C GLY A 52 -6.82 -12.39 14.98
N GLU A 53 -5.82 -13.04 15.59
CA GLU A 53 -6.06 -14.15 16.55
C GLU A 53 -6.92 -13.71 17.71
N THR A 54 -6.55 -12.59 18.33
CA THR A 54 -7.32 -11.96 19.40
C THR A 54 -7.35 -10.46 19.15
N GLU A 55 -8.05 -9.73 20.00
CA GLU A 55 -7.98 -8.27 19.98
C GLU A 55 -6.96 -7.84 21.03
N GLN A 56 -5.86 -7.22 20.60
CA GLN A 56 -4.87 -6.63 21.51
C GLN A 56 -5.01 -5.12 21.41
N VAL A 57 -4.87 -4.45 22.55
CA VAL A 57 -4.79 -2.99 22.55
C VAL A 57 -3.35 -2.61 22.88
N ASP A 58 -2.64 -2.02 21.92
CA ASP A 58 -1.28 -1.52 22.10
C ASP A 58 -1.32 -0.01 22.33
N THR A 59 -0.39 0.50 23.12
CA THR A 59 -0.29 1.92 23.34
C THR A 59 0.98 2.42 22.65
N VAL A 60 0.83 3.50 21.89
CA VAL A 60 1.96 4.14 21.24
C VAL A 60 2.24 5.35 22.12
N SER A 61 3.47 5.52 22.61
CA SER A 61 3.71 6.67 23.49
C SER A 61 4.97 7.45 23.15
N GLY A 62 5.07 8.62 23.78
CA GLY A 62 6.19 9.56 23.62
C GLY A 62 6.22 10.23 22.26
N VAL A 63 5.07 10.42 21.63
CA VAL A 63 5.01 11.02 20.29
C VAL A 63 4.60 12.47 20.42
N ASN A 64 4.94 13.29 19.44
CA ASN A 64 4.35 14.63 19.36
C ASN A 64 4.03 14.99 17.93
N ALA A 65 3.67 16.25 17.66
CA ALA A 65 3.23 16.61 16.30
C ALA A 65 3.49 18.06 15.96
N VAL A 66 3.70 18.32 14.65
CA VAL A 66 3.83 19.67 14.14
C VAL A 66 2.99 19.81 12.86
N SER A 67 2.67 21.04 12.49
CA SER A 67 1.99 21.27 11.23
C SER A 67 2.97 20.98 10.06
N SER A 68 2.48 20.27 9.05
CA SER A 68 3.28 20.05 7.85
CA SER A 68 3.26 20.07 7.80
C SER A 68 3.46 21.34 7.01
N ILE A 69 2.68 22.37 7.31
CA ILE A 69 2.74 23.61 6.56
C ILE A 69 3.31 24.81 7.34
N GLY A 70 3.99 24.57 8.46
CA GLY A 70 4.55 25.67 9.24
C GLY A 70 6.06 25.64 9.16
N ASP A 71 6.73 26.36 10.04
CA ASP A 71 8.18 26.43 10.04
C ASP A 71 8.88 25.40 10.96
N ASP A 72 8.18 24.90 11.99
CA ASP A 72 8.78 23.89 12.88
C ASP A 72 9.17 22.59 12.15
N VAL A 73 8.37 22.21 11.17
CA VAL A 73 8.64 20.99 10.41
C VAL A 73 9.99 21.11 9.66
N VAL A 74 10.26 22.30 9.13
CA VAL A 74 11.54 22.58 8.45
C VAL A 74 12.73 22.40 9.40
N ASP A 75 12.61 22.98 10.60
CA ASP A 75 13.61 22.82 11.65
C ASP A 75 13.87 21.35 11.98
N LEU A 76 12.79 20.56 12.02
CA LEU A 76 12.91 19.13 12.34
C LEU A 76 13.63 18.33 11.26
N ILE A 77 13.30 18.61 10.00
CA ILE A 77 13.99 17.95 8.89
C ILE A 77 15.52 18.16 8.99
N ALA A 78 15.94 19.32 9.48
CA ALA A 78 17.35 19.62 9.71
C ALA A 78 17.99 18.84 10.86
N GLN A 79 17.18 18.16 11.67
CA GLN A 79 17.65 17.49 12.88
C GLN A 79 17.46 15.97 12.89
N VAL A 80 16.39 15.46 12.29
CA VAL A 80 16.06 14.03 12.46
C VAL A 80 16.94 13.06 11.64
N ASP A 81 16.88 11.78 11.96
CA ASP A 81 17.64 10.74 11.26
C ASP A 81 16.83 10.09 10.13
N LEU A 82 15.50 10.10 10.29
CA LEU A 82 14.60 9.49 9.31
C LEU A 82 13.41 10.38 9.06
N VAL A 83 12.95 10.41 7.82
CA VAL A 83 11.68 11.04 7.47
C VAL A 83 10.89 9.94 6.76
N THR A 84 9.66 9.69 7.21
CA THR A 84 8.80 8.72 6.55
C THR A 84 7.51 9.43 6.10
N THR A 85 6.77 8.83 5.19
CA THR A 85 5.49 9.43 4.75
C THR A 85 4.40 8.34 4.60
N ALA A 86 3.14 8.73 4.79
CA ALA A 86 2.01 7.93 4.36
C ALA A 86 0.93 8.90 4.04
N VAL A 87 1.03 9.53 2.85
CA VAL A 87 0.17 10.70 2.55
C VAL A 87 -0.65 10.60 1.24
N GLY A 88 -0.28 9.67 0.36
CA GLY A 88 -0.93 9.62 -0.97
C GLY A 88 -0.24 10.54 -1.97
N PRO A 89 -0.54 10.35 -3.28
CA PRO A 89 0.26 10.98 -4.32
C PRO A 89 0.14 12.52 -4.38
N VAL A 90 -1.01 13.08 -3.99
CA VAL A 90 -1.20 14.52 -4.13
C VAL A 90 -0.39 15.23 -3.05
N VAL A 91 -0.55 14.73 -1.83
CA VAL A 91 0.18 15.33 -0.72
C VAL A 91 1.68 14.99 -0.81
N LEU A 92 2.05 13.86 -1.42
CA LEU A 92 3.47 13.52 -1.62
C LEU A 92 4.18 14.66 -2.38
N GLU A 93 3.51 15.22 -3.39
CA GLU A 93 4.03 16.43 -4.05
C GLU A 93 3.98 17.68 -3.18
N ARG A 94 2.87 17.89 -2.46
CA ARG A 94 2.72 19.09 -1.66
C ARG A 94 3.79 19.24 -0.55
N ILE A 95 4.26 18.13 0.01
CA ILE A 95 5.26 18.21 1.10
C ILE A 95 6.66 18.48 0.59
N ALA A 96 6.85 18.41 -0.74
CA ALA A 96 8.20 18.57 -1.32
C ALA A 96 8.88 19.94 -1.02
N PRO A 97 8.16 21.08 -1.15
CA PRO A 97 8.88 22.31 -0.81
C PRO A 97 9.32 22.40 0.66
N ALA A 98 8.53 21.84 1.60
CA ALA A 98 8.97 21.83 3.00
C ALA A 98 10.20 20.93 3.19
N ILE A 99 10.17 19.75 2.58
CA ILE A 99 11.38 18.86 2.63
C ILE A 99 12.60 19.54 2.02
N ALA A 100 12.43 20.16 0.85
CA ALA A 100 13.56 20.86 0.22
C ALA A 100 14.12 21.97 1.12
N LYS A 101 13.23 22.81 1.68
CA LYS A 101 13.66 23.86 2.60
C LYS A 101 14.37 23.26 3.82
N GLY A 102 13.83 22.17 4.35
CA GLY A 102 14.46 21.38 5.41
C GLY A 102 15.87 20.90 5.11
N LEU A 103 16.08 20.39 3.89
CA LEU A 103 17.40 19.94 3.44
C LEU A 103 18.36 21.12 3.29
N VAL A 104 17.88 22.22 2.74
CA VAL A 104 18.75 23.43 2.68
C VAL A 104 19.18 23.82 4.09
N LYS A 105 18.22 23.82 5.04
CA LYS A 105 18.55 24.17 6.40
C LYS A 105 19.50 23.15 7.07
N ARG A 106 19.34 21.88 6.71
CA ARG A 106 20.21 20.82 7.25
C ARG A 106 21.67 21.10 6.85
N LYS A 107 21.85 21.47 5.60
CA LYS A 107 23.18 21.83 5.07
C LYS A 107 23.71 23.09 5.75
N GLU A 108 22.85 24.11 5.87
CA GLU A 108 23.23 25.37 6.48
CA GLU A 108 23.13 25.40 6.53
C GLU A 108 23.56 25.23 7.98
N GLN A 109 22.88 24.31 8.67
N GLN A 109 22.92 24.28 8.67
CA GLN A 109 23.27 23.99 10.05
CA GLN A 109 23.28 23.97 10.06
C GLN A 109 24.54 23.15 10.17
C GLN A 109 24.38 22.91 10.19
N GLY A 110 25.01 22.56 9.07
CA GLY A 110 26.18 21.68 9.08
C GLY A 110 25.89 20.31 9.68
N ASN A 111 24.67 19.83 9.52
CA ASN A 111 24.32 18.50 9.99
C ASN A 111 24.68 17.51 8.89
N GLU A 112 25.81 16.84 9.04
CA GLU A 112 26.22 15.87 8.04
C GLU A 112 25.88 14.43 8.44
N SER A 113 25.13 14.21 9.53
CA SER A 113 24.65 12.86 9.88
CA SER A 113 24.68 12.86 9.87
C SER A 113 23.73 12.40 8.75
N PRO A 114 23.90 11.13 8.27
CA PRO A 114 23.07 10.70 7.13
C PRO A 114 21.60 10.75 7.46
N LEU A 115 20.81 11.21 6.49
CA LEU A 115 19.36 11.24 6.62
C LEU A 115 18.83 10.25 5.59
N ASN A 116 17.87 9.44 6.00
CA ASN A 116 17.18 8.60 5.04
C ASN A 116 15.71 8.92 5.04
N ILE A 117 15.15 8.97 3.84
CA ILE A 117 13.74 9.33 3.62
C ILE A 117 13.07 8.09 3.05
N ILE A 118 11.95 7.67 3.63
CA ILE A 118 11.25 6.45 3.17
C ILE A 118 9.77 6.75 3.01
N ALA A 119 9.32 6.85 1.75
CA ALA A 119 7.89 7.02 1.51
C ALA A 119 7.20 5.63 1.59
N CYS A 120 6.15 5.53 2.42
CA CYS A 120 5.47 4.24 2.65
C CYS A 120 4.09 4.41 2.06
N GLU A 121 3.97 4.18 0.75
CA GLU A 121 2.84 4.60 -0.01
C GLU A 121 2.33 3.45 -0.85
N ASN A 122 1.05 3.54 -1.23
CA ASN A 122 0.43 2.56 -2.13
C ASN A 122 0.79 2.98 -3.58
N VAL A 124 4.31 2.31 -6.64
CA VAL A 124 5.58 1.64 -6.92
C VAL A 124 6.74 2.66 -6.84
N ARG A 125 7.74 2.35 -6.02
CA ARG A 125 8.88 3.23 -5.76
CA ARG A 125 8.90 3.25 -5.84
C ARG A 125 8.42 4.65 -5.48
N GLY A 126 7.55 4.77 -4.48
CA GLY A 126 7.04 6.09 -4.09
C GLY A 126 8.12 7.04 -3.63
N THR A 127 9.15 6.52 -2.96
CA THR A 127 10.19 7.42 -2.50
C THR A 127 10.98 8.02 -3.68
N THR A 128 11.22 7.22 -4.73
CA THR A 128 11.81 7.77 -5.95
C THR A 128 10.90 8.84 -6.56
N GLN A 129 9.58 8.65 -6.49
CA GLN A 129 8.66 9.70 -6.94
C GLN A 129 8.77 10.95 -6.05
N LEU A 130 8.84 10.72 -4.74
CA LEU A 130 9.03 11.86 -3.82
C LEU A 130 10.35 12.59 -4.13
N LYS A 131 11.41 11.82 -4.40
CA LYS A 131 12.70 12.42 -4.71
C LYS A 131 12.55 13.39 -5.89
N GLY A 132 11.82 12.95 -6.93
CA GLY A 132 11.54 13.79 -8.11
C GLY A 132 10.90 15.10 -7.71
N HIS A 133 9.90 15.02 -6.81
CA HIS A 133 9.22 16.23 -6.35
C HIS A 133 10.15 17.12 -5.55
N VAL A 134 10.97 16.51 -4.68
CA VAL A 134 11.94 17.30 -3.89
C VAL A 134 12.95 18.02 -4.78
N ASN A 136 12.47 19.04 -7.75
CA ASN A 136 11.74 20.17 -8.33
C ASN A 136 11.58 21.37 -7.45
N ALA A 137 11.88 21.22 -6.17
CA ALA A 137 11.75 22.33 -5.24
C ALA A 137 13.08 22.70 -4.60
N LEU A 138 14.15 21.99 -4.91
CA LEU A 138 15.42 22.25 -4.23
C LEU A 138 16.33 23.16 -5.09
N PRO A 139 17.00 24.14 -4.48
CA PRO A 139 17.95 24.97 -5.24
C PRO A 139 19.08 24.11 -5.84
N GLU A 140 19.51 24.48 -7.04
CA GLU A 140 20.58 23.74 -7.71
C GLU A 140 21.83 23.65 -6.83
N ASP A 141 22.15 24.71 -6.12
CA ASP A 141 23.36 24.72 -5.27
C ASP A 141 23.32 23.77 -4.07
N ALA A 142 22.16 23.21 -3.75
CA ALA A 142 22.05 22.20 -2.67
C ALA A 142 22.09 20.75 -3.17
N LYS A 143 22.00 20.55 -4.49
CA LYS A 143 21.78 19.19 -5.02
C LYS A 143 22.92 18.21 -4.74
N ALA A 144 24.15 18.64 -4.97
CA ALA A 144 25.34 17.81 -4.68
C ALA A 144 25.39 17.37 -3.19
N TRP A 145 25.18 18.32 -2.29
CA TRP A 145 25.18 18.02 -0.87
C TRP A 145 24.09 17.00 -0.55
N VAL A 146 22.88 17.20 -1.10
CA VAL A 146 21.77 16.23 -0.89
C VAL A 146 22.10 14.84 -1.45
N GLU A 147 22.72 14.77 -2.63
CA GLU A 147 23.13 13.46 -3.18
C GLU A 147 24.09 12.75 -2.25
N GLU A 148 24.98 13.48 -1.63
CA GLU A 148 25.96 12.89 -0.72
C GLU A 148 25.35 12.43 0.62
N HIS A 149 24.42 13.21 1.18
CA HIS A 149 24.03 13.01 2.57
C HIS A 149 22.66 12.42 2.81
N VAL A 150 21.86 12.32 1.77
CA VAL A 150 20.44 11.95 1.97
C VAL A 150 20.10 10.74 1.11
N GLY A 151 19.57 9.70 1.72
CA GLY A 151 19.07 8.54 0.97
C GLY A 151 17.57 8.60 0.77
N PHE A 152 17.14 8.34 -0.46
CA PHE A 152 15.70 8.26 -0.80
C PHE A 152 15.45 6.78 -1.01
N VAL A 153 14.90 6.15 0.02
CA VAL A 153 14.84 4.67 0.08
C VAL A 153 13.42 4.24 -0.27
N ASP A 154 13.27 3.51 -1.36
CA ASP A 154 11.96 2.96 -1.73
C ASP A 154 11.52 1.87 -0.75
N SER A 155 10.21 1.66 -0.62
CA SER A 155 9.67 0.65 0.29
C SER A 155 8.50 -0.09 -0.35
N ALA A 156 8.14 -1.23 0.26
CA ALA A 156 6.91 -1.95 -0.09
C ALA A 156 6.27 -2.22 1.27
N VAL A 157 5.06 -1.73 1.45
CA VAL A 157 4.38 -1.85 2.75
C VAL A 157 3.02 -2.55 2.54
N ASP A 158 2.59 -3.30 3.56
CA ASP A 158 1.36 -4.07 3.49
C ASP A 158 0.84 -4.17 4.94
N ARG A 159 -0.27 -3.48 5.18
CA ARG A 159 -1.09 -3.75 6.41
C ARG A 159 -2.53 -3.34 6.14
N ILE A 160 -3.50 -4.22 6.39
CA ILE A 160 -4.91 -3.90 6.21
C ILE A 160 -5.39 -3.04 7.39
N VAL A 161 -5.77 -1.80 7.08
CA VAL A 161 -6.18 -0.82 8.09
C VAL A 161 -7.47 -0.19 7.53
N PRO A 162 -8.64 -0.77 7.86
CA PRO A 162 -9.84 -0.18 7.25
C PRO A 162 -10.27 1.12 7.98
N PRO A 163 -11.20 1.92 7.38
CA PRO A 163 -11.74 3.19 7.95
C PRO A 163 -12.03 3.11 9.43
N ASN A 169 -15.48 8.41 18.87
CA ASN A 169 -15.18 9.72 19.41
C ASN A 169 -13.69 10.05 19.16
N ASP A 170 -12.80 9.16 19.59
CA ASP A 170 -11.35 9.36 19.67
C ASP A 170 -10.67 9.54 18.30
N PRO A 171 -10.11 10.75 18.02
CA PRO A 171 -9.53 10.99 16.71
C PRO A 171 -8.18 10.28 16.46
N LEU A 172 -7.63 9.63 17.48
CA LEU A 172 -6.33 8.98 17.35
C LEU A 172 -6.42 7.46 17.32
N GLU A 173 -7.43 6.88 17.94
CA GLU A 173 -7.50 5.40 17.91
C GLU A 173 -7.60 4.89 16.47
N VAL A 174 -7.08 3.69 16.27
CA VAL A 174 -7.07 3.08 14.94
C VAL A 174 -7.10 1.58 15.20
N THR A 175 -7.72 0.85 14.28
CA THR A 175 -7.71 -0.63 14.34
C THR A 175 -6.99 -1.17 13.12
N VAL A 176 -6.07 -2.11 13.36
CA VAL A 176 -5.22 -2.66 12.31
C VAL A 176 -5.16 -4.20 12.48
N GLU A 177 -4.93 -4.93 11.38
CA GLU A 177 -4.74 -6.36 11.51
C GLU A 177 -3.39 -6.67 12.19
N THR A 178 -3.26 -7.86 12.76
CA THR A 178 -2.00 -8.26 13.38
C THR A 178 -0.85 -8.23 12.40
N PHE A 179 -1.07 -8.79 11.22
CA PHE A 179 -0.02 -8.90 10.21
C PHE A 179 0.46 -7.54 9.74
N SER A 180 1.77 -7.37 9.54
CA SER A 180 2.26 -6.25 8.70
C SER A 180 3.52 -6.66 7.99
N GLU A 181 3.82 -5.95 6.91
CA GLU A 181 5.04 -6.17 6.18
C GLU A 181 5.62 -4.82 5.81
N TRP A 182 6.91 -4.60 6.11
CA TRP A 182 7.54 -3.34 5.65
C TRP A 182 8.94 -3.67 5.15
N ILE A 183 9.11 -3.53 3.84
CA ILE A 183 10.36 -3.97 3.25
C ILE A 183 10.94 -2.76 2.56
N VAL A 184 12.25 -2.56 2.68
CA VAL A 184 12.87 -1.37 2.07
C VAL A 184 14.13 -1.76 1.28
N ASP A 185 14.51 -0.91 0.33
CA ASP A 185 15.64 -1.20 -0.55
C ASP A 185 16.95 -0.87 0.19
N LYS A 186 17.67 -1.91 0.59
CA LYS A 186 18.91 -1.78 1.38
C LYS A 186 19.96 -0.90 0.68
N THR A 187 19.98 -1.03 -0.65
CA THR A 187 21.02 -0.41 -1.45
C THR A 187 20.89 1.11 -1.51
N GLN A 188 19.75 1.66 -1.08
CA GLN A 188 19.54 3.12 -1.16
C GLN A 188 19.83 3.86 0.13
N PHE A 189 19.92 3.13 1.25
CA PHE A 189 20.23 3.77 2.53
C PHE A 189 21.59 4.42 2.52
N LYS A 190 21.71 5.58 3.16
CA LYS A 190 23.01 6.16 3.43
C LYS A 190 23.36 5.90 4.87
N GLY A 191 24.59 5.44 5.10
CA GLY A 191 25.14 5.27 6.46
C GLY A 191 24.69 3.97 7.12
N ALA A 192 24.88 3.86 8.43
CA ALA A 192 24.53 2.66 9.17
C ALA A 192 23.04 2.34 9.05
N LEU A 193 22.72 1.07 8.86
CA LEU A 193 21.32 0.66 8.63
C LEU A 193 20.59 0.72 9.98
N PRO A 194 19.36 1.27 10.01
CA PRO A 194 18.60 1.33 11.26
C PRO A 194 18.10 -0.06 11.70
N ASN A 195 17.99 -0.27 13.00
CA ASN A 195 17.38 -1.48 13.55
C ASN A 195 15.97 -1.12 14.00
N ILE A 196 15.01 -1.39 13.12
CA ILE A 196 13.62 -1.13 13.42
C ILE A 196 12.89 -2.46 13.32
N PRO A 197 12.43 -3.01 14.46
CA PRO A 197 11.71 -4.29 14.33
C PRO A 197 10.46 -4.13 13.43
N GLY A 198 10.24 -5.09 12.56
CA GLY A 198 9.12 -5.04 11.63
C GLY A 198 9.46 -4.41 10.28
N GLU A 200 12.21 -4.87 7.22
CA GLU A 200 13.16 -5.79 6.63
CA GLU A 200 13.23 -5.74 6.69
C GLU A 200 13.87 -5.11 5.47
N LEU A 201 15.16 -5.38 5.30
CA LEU A 201 15.95 -4.76 4.23
C LEU A 201 16.28 -5.81 3.16
N THR A 202 16.11 -5.44 1.89
CA THR A 202 16.36 -6.35 0.78
C THR A 202 17.15 -5.69 -0.33
N ASP A 203 17.88 -6.51 -1.09
CA ASP A 203 18.49 -6.09 -2.34
C ASP A 203 17.53 -6.19 -3.50
N ASN A 204 16.40 -6.83 -3.29
CA ASN A 204 15.50 -7.10 -4.40
C ASN A 204 14.07 -6.65 -4.12
N LEU A 205 13.89 -5.34 -3.95
CA LEU A 205 12.59 -4.83 -3.53
C LEU A 205 11.50 -5.16 -4.54
N ALA A 207 10.80 -7.67 -6.37
CA ALA A 207 10.26 -9.02 -6.12
C ALA A 207 9.17 -8.98 -5.04
N PHE A 208 9.42 -8.20 -3.96
CA PHE A 208 8.42 -8.07 -2.87
C PHE A 208 7.26 -7.19 -3.23
N VAL A 209 7.51 -6.14 -4.03
CA VAL A 209 6.44 -5.32 -4.53
C VAL A 209 5.45 -6.15 -5.35
N GLU A 210 6.01 -6.94 -6.28
CA GLU A 210 5.15 -7.75 -7.16
C GLU A 210 4.48 -8.88 -6.38
N ARG A 211 5.21 -9.44 -5.44
CA ARG A 211 4.57 -10.48 -4.60
C ARG A 211 3.30 -9.98 -3.92
N LYS A 212 3.41 -8.79 -3.35
CA LYS A 212 2.27 -8.23 -2.65
C LYS A 212 1.15 -7.90 -3.66
N LEU A 213 1.49 -7.23 -4.76
CA LEU A 213 0.49 -6.94 -5.79
C LEU A 213 -0.24 -8.18 -6.30
N PHE A 214 0.53 -9.23 -6.60
CA PHE A 214 0.03 -10.45 -7.28
C PHE A 214 -0.58 -11.42 -6.29
N THR A 215 -0.47 -11.16 -5.00
CA THR A 215 -1.01 -12.15 -4.05
C THR A 215 -2.05 -11.52 -3.15
N LEU A 216 -1.60 -10.60 -2.29
CA LEU A 216 -2.54 -9.87 -1.42
C LEU A 216 -3.54 -9.08 -2.28
N ASN A 217 -3.08 -8.23 -3.19
CA ASN A 217 -4.04 -7.38 -3.91
C ASN A 217 -4.98 -8.19 -4.81
N THR A 218 -4.40 -9.13 -5.56
CA THR A 218 -5.18 -10.01 -6.41
C THR A 218 -6.27 -10.78 -5.62
N GLY A 219 -5.85 -11.42 -4.54
CA GLY A 219 -6.75 -12.24 -3.72
C GLY A 219 -7.82 -11.39 -3.07
N HIS A 220 -7.40 -10.24 -2.58
CA HIS A 220 -8.30 -9.37 -1.80
C HIS A 220 -9.38 -8.86 -2.76
N ALA A 221 -8.98 -8.39 -3.93
CA ALA A 221 -9.94 -7.90 -4.95
C ALA A 221 -10.91 -8.97 -5.41
N ILE A 222 -10.40 -10.18 -5.69
CA ILE A 222 -11.27 -11.22 -6.18
C ILE A 222 -12.28 -11.65 -5.08
N THR A 223 -11.81 -11.73 -3.83
CA THR A 223 -12.69 -12.00 -2.69
C THR A 223 -13.84 -10.97 -2.66
N ALA A 224 -13.49 -9.69 -2.75
CA ALA A 224 -14.48 -8.61 -2.75
C ALA A 224 -15.47 -8.75 -3.91
N TYR A 225 -14.96 -8.99 -5.13
CA TYR A 225 -15.83 -9.00 -6.33
C TYR A 225 -16.78 -10.20 -6.40
N LEU A 226 -16.24 -11.39 -6.14
CA LEU A 226 -17.07 -12.58 -6.08
C LEU A 226 -17.98 -12.54 -4.87
N GLY A 227 -17.49 -11.97 -3.77
CA GLY A 227 -18.30 -11.87 -2.56
C GLY A 227 -19.52 -10.99 -2.79
N LYS A 228 -19.29 -9.81 -3.38
CA LYS A 228 -20.41 -8.93 -3.71
C LYS A 228 -21.45 -9.61 -4.61
N LEU A 229 -20.98 -10.35 -5.62
CA LEU A 229 -21.91 -11.12 -6.48
C LEU A 229 -22.71 -12.16 -5.71
N ALA A 230 -22.10 -12.78 -4.71
CA ALA A 230 -22.81 -13.79 -3.93
C ALA A 230 -23.61 -13.16 -2.79
N GLY A 231 -23.60 -11.84 -2.69
CA GLY A 231 -24.40 -11.16 -1.65
C GLY A 231 -23.76 -11.13 -0.28
N HIS A 232 -22.46 -11.48 -0.20
CA HIS A 232 -21.72 -11.42 1.06
C HIS A 232 -21.41 -9.99 1.45
N GLN A 233 -21.60 -9.69 2.73
CA GLN A 233 -21.34 -8.36 3.25
C GLN A 233 -19.85 -8.04 3.38
N THR A 234 -19.09 -9.01 3.92
CA THR A 234 -17.70 -8.72 4.32
C THR A 234 -16.72 -9.69 3.63
N ILE A 235 -15.46 -9.30 3.67
CA ILE A 235 -14.36 -10.14 3.14
C ILE A 235 -14.35 -11.49 3.86
N ARG A 236 -14.55 -11.48 5.19
CA ARG A 236 -14.61 -12.72 5.93
C ARG A 236 -15.73 -13.65 5.45
N ASP A 237 -16.95 -13.11 5.32
CA ASP A 237 -18.10 -13.89 4.82
C ASP A 237 -17.79 -14.53 3.46
N ALA A 238 -17.19 -13.73 2.56
CA ALA A 238 -16.86 -14.20 1.22
C ALA A 238 -15.78 -15.30 1.26
N ILE A 239 -14.71 -15.10 2.02
CA ILE A 239 -13.62 -16.08 2.01
C ILE A 239 -14.01 -17.43 2.71
N LEU A 240 -15.05 -17.39 3.55
CA LEU A 240 -15.50 -18.62 4.20
C LEU A 240 -16.52 -19.38 3.34
N ASP A 241 -16.95 -18.75 2.24
CA ASP A 241 -17.79 -19.38 1.24
C ASP A 241 -16.87 -20.27 0.38
N GLU A 242 -17.03 -21.58 0.48
CA GLU A 242 -16.03 -22.50 -0.09
C GLU A 242 -15.88 -22.41 -1.64
N LYS A 243 -16.97 -22.06 -2.33
CA LYS A 243 -16.94 -21.79 -3.78
C LYS A 243 -16.08 -20.58 -4.12
N ILE A 244 -16.24 -19.51 -3.36
CA ILE A 244 -15.45 -18.31 -3.58
C ILE A 244 -13.98 -18.57 -3.17
N ARG A 245 -13.79 -19.18 -2.01
CA ARG A 245 -12.45 -19.45 -1.48
C ARG A 245 -11.58 -20.23 -2.50
N ALA A 246 -12.20 -21.23 -3.13
CA ALA A 246 -11.50 -22.05 -4.11
C ALA A 246 -11.00 -21.18 -5.26
N VAL A 247 -11.79 -20.20 -5.70
CA VAL A 247 -11.41 -19.37 -6.84
C VAL A 247 -10.34 -18.38 -6.41
N VAL A 248 -10.49 -17.81 -5.21
CA VAL A 248 -9.51 -16.86 -4.67
C VAL A 248 -8.15 -17.54 -4.44
N LYS A 249 -8.17 -18.68 -3.76
CA LYS A 249 -6.94 -19.44 -3.56
C LYS A 249 -6.29 -19.83 -4.90
N GLY A 250 -7.11 -20.36 -5.81
CA GLY A 250 -6.59 -20.77 -7.13
C GLY A 250 -6.00 -19.61 -7.90
N ALA A 251 -6.61 -18.42 -7.82
CA ALA A 251 -6.06 -17.26 -8.55
C ALA A 251 -4.72 -16.83 -7.98
N GLU A 253 -2.69 -18.81 -6.38
CA GLU A 253 -1.76 -19.85 -6.82
C GLU A 253 -1.30 -19.66 -8.27
N GLU A 254 -2.22 -19.28 -9.16
CA GLU A 254 -1.85 -19.10 -10.59
C GLU A 254 -0.88 -17.93 -10.70
N SER A 255 -1.21 -16.84 -10.04
CA SER A 255 -0.31 -15.68 -10.04
CA SER A 255 -0.32 -15.69 -10.05
C SER A 255 1.02 -16.03 -9.34
N GLY A 256 0.95 -16.89 -8.32
CA GLY A 256 2.12 -17.36 -7.59
C GLY A 256 3.10 -18.15 -8.46
N ALA A 257 2.60 -18.97 -9.39
CA ALA A 257 3.49 -19.71 -10.33
C ALA A 257 4.31 -18.75 -11.19
N VAL A 258 3.69 -17.63 -11.58
CA VAL A 258 4.41 -16.55 -12.28
C VAL A 258 5.54 -15.95 -11.40
N LEU A 259 5.22 -15.64 -10.15
CA LEU A 259 6.21 -15.06 -9.25
C LEU A 259 7.37 -16.00 -8.97
N ILE A 260 7.04 -17.28 -8.80
CA ILE A 260 8.06 -18.29 -8.59
C ILE A 260 9.03 -18.34 -9.78
N LYS A 261 8.49 -18.37 -10.98
CA LYS A 261 9.33 -18.43 -12.21
C LYS A 261 10.10 -17.13 -12.40
N ARG A 262 9.45 -15.99 -12.20
CA ARG A 262 10.04 -14.67 -12.46
C ARG A 262 11.13 -14.30 -11.44
N TYR A 263 10.91 -14.60 -10.16
CA TYR A 263 11.79 -14.14 -9.08
C TYR A 263 12.50 -15.22 -8.31
N GLY A 264 12.13 -16.46 -8.50
CA GLY A 264 12.80 -17.55 -7.81
C GLY A 264 12.38 -17.78 -6.38
N PHE A 265 11.22 -17.25 -5.97
CA PHE A 265 10.68 -17.57 -4.64
C PHE A 265 10.58 -19.07 -4.42
N ASP A 266 10.87 -19.53 -3.21
CA ASP A 266 10.72 -20.93 -2.84
C ASP A 266 9.24 -21.31 -2.89
N ALA A 267 8.92 -22.43 -3.53
CA ALA A 267 7.51 -22.81 -3.77
C ALA A 267 6.77 -23.12 -2.46
N ASP A 268 7.46 -23.78 -1.53
CA ASP A 268 6.84 -24.17 -0.25
C ASP A 268 6.59 -22.94 0.62
N LYS A 269 7.55 -22.02 0.63
CA LYS A 269 7.31 -20.78 1.38
C LYS A 269 6.22 -19.96 0.72
N HIS A 270 6.15 -19.99 -0.60
CA HIS A 270 5.09 -19.20 -1.23
C HIS A 270 3.70 -19.77 -0.96
N ALA A 271 3.61 -21.11 -0.91
CA ALA A 271 2.35 -21.77 -0.52
C ALA A 271 1.95 -21.29 0.88
N ALA A 272 2.93 -21.19 1.77
CA ALA A 272 2.64 -20.78 3.16
C ALA A 272 2.23 -19.29 3.20
N TYR A 273 2.82 -18.48 2.33
CA TYR A 273 2.47 -17.06 2.24
C TYR A 273 1.00 -16.93 1.76
N ILE A 274 0.62 -17.74 0.76
CA ILE A 274 -0.78 -17.81 0.33
C ILE A 274 -1.71 -18.20 1.48
N GLN A 275 -1.34 -19.23 2.27
CA GLN A 275 -2.17 -19.62 3.43
C GLN A 275 -2.27 -18.47 4.44
N LYS A 276 -1.18 -17.74 4.61
N LYS A 276 -1.17 -17.74 4.61
CA LYS A 276 -1.18 -16.63 5.56
CA LYS A 276 -1.16 -16.61 5.54
C LYS A 276 -2.15 -15.51 5.11
C LYS A 276 -2.18 -15.56 5.11
N ILE A 277 -2.18 -15.26 3.81
CA ILE A 277 -3.11 -14.26 3.24
C ILE A 277 -4.58 -14.71 3.36
N LEU A 278 -4.85 -16.00 3.12
CA LEU A 278 -6.21 -16.51 3.35
C LEU A 278 -6.63 -16.30 4.81
N GLY A 279 -5.72 -16.55 5.75
CA GLY A 279 -6.02 -16.29 7.14
C GLY A 279 -6.29 -14.81 7.39
N ARG A 280 -5.49 -13.93 6.79
CA ARG A 280 -5.74 -12.46 6.91
C ARG A 280 -7.17 -12.07 6.46
N PHE A 281 -7.67 -12.70 5.38
CA PHE A 281 -9.04 -12.45 4.91
C PHE A 281 -10.10 -12.98 5.87
N GLU A 282 -9.75 -13.99 6.66
CA GLU A 282 -10.67 -14.55 7.65
C GLU A 282 -10.85 -13.68 8.90
N ASN A 283 -10.04 -12.61 9.05
CA ASN A 283 -10.03 -11.81 10.29
C ASN A 283 -11.48 -11.57 10.72
N PRO A 284 -11.83 -11.97 11.95
CA PRO A 284 -13.21 -11.81 12.39
C PRO A 284 -13.48 -10.45 13.04
N TYR A 285 -12.44 -9.61 13.20
CA TYR A 285 -12.59 -8.33 13.92
C TYR A 285 -12.66 -7.13 13.00
N LEU A 286 -12.25 -7.31 11.75
CA LEU A 286 -12.21 -6.20 10.81
C LEU A 286 -13.56 -5.79 10.23
N LYS A 287 -14.43 -6.77 9.96
CA LYS A 287 -15.72 -6.53 9.32
C LYS A 287 -15.57 -5.60 8.11
N ASP A 288 -14.67 -5.98 7.21
CA ASP A 288 -14.32 -5.15 6.05
C ASP A 288 -15.34 -5.34 4.92
N ASP A 289 -16.04 -4.29 4.54
N ASP A 289 -16.13 -4.26 4.55
CA ASP A 289 -17.08 -4.39 3.53
CA ASP A 289 -17.17 -4.37 3.54
C ASP A 289 -16.51 -4.70 2.15
C ASP A 289 -16.61 -4.68 2.16
N VAL A 290 -17.16 -5.61 1.46
CA VAL A 290 -16.69 -5.97 0.12
C VAL A 290 -16.76 -4.77 -0.83
N GLU A 291 -17.78 -3.91 -0.63
CA GLU A 291 -17.93 -2.72 -1.48
C GLU A 291 -16.74 -1.76 -1.37
N ARG A 292 -16.18 -1.62 -0.16
CA ARG A 292 -14.98 -0.80 0.04
C ARG A 292 -13.80 -1.41 -0.69
N VAL A 293 -13.58 -2.71 -0.51
CA VAL A 293 -12.42 -3.38 -1.07
C VAL A 293 -12.47 -3.44 -2.61
N GLY A 294 -13.69 -3.54 -3.15
CA GLY A 294 -13.89 -3.64 -4.59
C GLY A 294 -13.90 -2.30 -5.32
N ARG A 295 -13.79 -1.21 -4.57
CA ARG A 295 -13.93 0.13 -5.16
C ARG A 295 -12.82 0.44 -6.20
N GLN A 296 -13.19 1.28 -7.19
CA GLN A 296 -12.28 1.67 -8.29
C GLN A 296 -11.91 0.53 -9.29
N PRO A 297 -12.92 -0.21 -9.75
CA PRO A 297 -12.65 -1.40 -10.58
C PRO A 297 -11.92 -1.07 -11.89
N LEU A 298 -12.04 0.18 -12.37
CA LEU A 298 -11.33 0.53 -13.59
C LEU A 298 -9.86 0.52 -13.34
N ARG A 299 -9.43 1.10 -12.22
CA ARG A 299 -8.03 1.03 -11.84
C ARG A 299 -7.60 -0.44 -11.70
N LYS A 300 -8.45 -1.22 -11.05
CA LYS A 300 -8.07 -2.61 -10.72
C LYS A 300 -8.09 -3.55 -11.93
N LEU A 301 -8.72 -3.10 -13.01
CA LEU A 301 -8.70 -3.81 -14.29
C LEU A 301 -7.67 -3.28 -15.31
N SER A 302 -6.78 -2.37 -14.87
CA SER A 302 -5.81 -1.77 -15.79
C SER A 302 -4.64 -2.74 -16.07
N ALA A 303 -3.94 -2.50 -17.17
CA ALA A 303 -2.90 -3.42 -17.69
C ALA A 303 -1.86 -3.80 -16.66
N GLY A 304 -1.42 -2.82 -15.85
CA GLY A 304 -0.35 -3.05 -14.89
C GLY A 304 -0.81 -3.44 -13.50
N ASP A 305 -2.10 -3.67 -13.32
CA ASP A 305 -2.64 -3.85 -11.97
C ASP A 305 -2.92 -5.34 -11.61
N ARG A 306 -3.70 -5.55 -10.56
CA ARG A 306 -3.67 -6.80 -9.79
C ARG A 306 -4.40 -7.95 -10.48
N LEU A 307 -5.12 -7.70 -11.59
CA LEU A 307 -5.77 -8.79 -12.34
C LEU A 307 -5.23 -9.08 -13.76
N ILE A 308 -4.87 -8.01 -14.48
CA ILE A 308 -4.36 -8.17 -15.84
C ILE A 308 -2.86 -8.50 -15.86
N LYS A 309 -2.06 -7.89 -14.99
CA LYS A 309 -0.62 -8.14 -15.01
CA LYS A 309 -0.63 -8.16 -15.04
C LYS A 309 -0.30 -9.63 -14.71
N PRO A 310 -0.94 -10.21 -13.66
CA PRO A 310 -0.72 -11.66 -13.44
C PRO A 310 -1.20 -12.49 -14.63
N LEU A 311 -2.33 -12.12 -15.22
CA LEU A 311 -2.79 -12.84 -16.41
C LEU A 311 -1.75 -12.78 -17.54
N LEU A 312 -1.17 -11.59 -17.77
CA LEU A 312 -0.17 -11.49 -18.85
C LEU A 312 1.03 -12.40 -18.53
N GLY A 313 1.40 -12.45 -17.27
CA GLY A 313 2.48 -13.36 -16.77
C GLY A 313 2.19 -14.82 -17.06
N THR A 314 0.94 -15.24 -16.85
CA THR A 314 0.58 -16.65 -17.16
C THR A 314 0.69 -16.91 -18.68
N LEU A 315 0.33 -15.93 -19.52
CA LEU A 315 0.54 -16.03 -20.97
C LEU A 315 2.02 -16.13 -21.34
N GLU A 316 2.83 -15.28 -20.72
CA GLU A 316 4.29 -15.30 -20.91
C GLU A 316 4.87 -16.70 -20.69
N TYR A 317 4.46 -17.33 -19.59
CA TYR A 317 5.05 -18.61 -19.18
C TYR A 317 4.22 -19.86 -19.50
N SER A 318 3.15 -19.71 -20.29
CA SER A 318 2.21 -20.83 -20.60
C SER A 318 1.71 -21.53 -19.35
N LEU A 319 1.20 -20.72 -18.40
CA LEU A 319 0.69 -21.23 -17.11
C LEU A 319 -0.83 -21.03 -17.04
N PRO A 320 -1.51 -21.78 -16.14
CA PRO A 320 -2.99 -21.71 -16.09
C PRO A 320 -3.68 -20.58 -15.30
N HIS A 321 -4.68 -19.97 -15.94
CA HIS A 321 -5.27 -18.69 -15.48
C HIS A 321 -6.78 -18.74 -15.32
N LYS A 322 -7.35 -19.95 -15.18
CA LYS A 322 -8.81 -20.02 -15.19
C LYS A 322 -9.42 -19.23 -14.03
N ASN A 323 -8.76 -19.27 -12.86
CA ASN A 323 -9.29 -18.58 -11.68
C ASN A 323 -9.12 -17.07 -11.80
N LEU A 324 -7.97 -16.62 -12.30
CA LEU A 324 -7.78 -15.21 -12.68
C LEU A 324 -8.89 -14.67 -13.60
N ILE A 325 -9.27 -15.45 -14.62
CA ILE A 325 -10.37 -15.13 -15.54
C ILE A 325 -11.69 -14.95 -14.78
N GLN A 326 -12.00 -15.87 -13.87
CA GLN A 326 -13.19 -15.67 -12.99
C GLN A 326 -13.14 -14.33 -12.21
N GLY A 327 -11.98 -14.02 -11.63
CA GLY A 327 -11.71 -12.75 -10.94
C GLY A 327 -11.97 -11.53 -11.83
N ILE A 328 -11.46 -11.55 -13.07
CA ILE A 328 -11.68 -10.47 -14.04
C ILE A 328 -13.19 -10.33 -14.35
N ALA A 329 -13.88 -11.46 -14.51
CA ALA A 329 -15.32 -11.37 -14.79
C ALA A 329 -16.10 -10.80 -13.59
N GLY A 330 -15.66 -11.11 -12.36
CA GLY A 330 -16.29 -10.57 -11.14
C GLY A 330 -16.07 -9.07 -11.00
N ALA A 331 -14.84 -8.63 -11.29
CA ALA A 331 -14.52 -7.22 -11.35
C ALA A 331 -15.42 -6.50 -12.35
N HIS A 333 -18.30 -7.13 -13.19
CA HIS A 333 -19.64 -7.04 -12.59
C HIS A 333 -19.84 -6.09 -11.42
N PHE A 334 -18.78 -5.45 -10.91
CA PHE A 334 -18.90 -4.61 -9.72
C PHE A 334 -19.76 -3.37 -9.99
N ARG A 335 -20.79 -3.20 -9.17
CA ARG A 335 -21.68 -2.04 -9.28
C ARG A 335 -21.75 -1.34 -7.91
N SER A 336 -21.74 -0.01 -7.91
CA SER A 336 -21.77 0.77 -6.69
C SER A 336 -22.25 2.13 -7.19
N GLU A 337 -23.29 2.67 -6.54
CA GLU A 337 -23.75 4.03 -6.79
C GLU A 337 -22.70 5.05 -6.36
N ASP A 338 -22.10 4.83 -5.21
CA ASP A 338 -21.08 5.73 -4.66
C ASP A 338 -19.72 5.74 -5.38
N ASP A 339 -19.52 4.83 -6.34
CA ASP A 339 -18.22 4.70 -7.02
C ASP A 339 -18.32 5.12 -8.50
N PRO A 340 -17.75 6.30 -8.85
CA PRO A 340 -17.84 6.81 -10.22
C PRO A 340 -17.24 5.84 -11.26
N GLN A 341 -16.10 5.20 -10.93
CA GLN A 341 -15.51 4.16 -11.83
C GLN A 341 -16.49 3.01 -12.07
N ALA A 342 -17.17 2.54 -11.03
CA ALA A 342 -18.14 1.47 -11.20
C ALA A 342 -19.27 1.92 -12.12
N GLN A 343 -19.65 3.19 -12.01
CA GLN A 343 -20.62 3.81 -12.94
C GLN A 343 -20.07 3.85 -14.36
N GLU A 344 -18.85 4.38 -14.51
CA GLU A 344 -18.19 4.39 -15.84
C GLU A 344 -18.10 2.99 -16.44
N LEU A 345 -17.64 2.03 -15.63
CA LEU A 345 -17.64 0.60 -16.03
C LEU A 345 -18.99 0.10 -16.54
N ALA A 346 -20.05 0.29 -15.72
CA ALA A 346 -21.38 -0.16 -16.12
C ALA A 346 -21.80 0.47 -17.47
N ALA A 347 -21.59 1.78 -17.58
CA ALA A 347 -21.96 2.50 -18.81
C ALA A 347 -21.18 1.99 -20.01
N LEU A 348 -19.88 1.68 -19.82
CA LEU A 348 -19.06 1.19 -20.94
C LEU A 348 -19.54 -0.18 -21.44
N ILE A 349 -19.78 -1.12 -20.51
CA ILE A 349 -20.27 -2.45 -20.89
C ILE A 349 -21.66 -2.30 -21.55
N ALA A 350 -22.51 -1.45 -20.98
CA ALA A 350 -23.85 -1.20 -21.57
C ALA A 350 -23.74 -0.64 -22.99
N ASP A 351 -22.82 0.29 -23.20
CA ASP A 351 -22.67 0.92 -24.51
C ASP A 351 -21.98 0.03 -25.55
N LYS A 352 -20.90 -0.66 -25.17
CA LYS A 352 -20.06 -1.37 -26.15
C LYS A 352 -20.05 -2.90 -26.04
N GLY A 353 -20.62 -3.43 -24.97
CA GLY A 353 -20.66 -4.88 -24.78
C GLY A 353 -19.42 -5.29 -24.00
N PRO A 354 -19.47 -6.46 -23.34
CA PRO A 354 -18.36 -6.81 -22.42
C PRO A 354 -17.02 -7.02 -23.13
N GLN A 355 -17.04 -7.53 -24.35
CA GLN A 355 -15.79 -7.82 -25.05
C GLN A 355 -14.98 -6.55 -25.36
N ALA A 356 -15.62 -5.58 -26.01
CA ALA A 356 -15.01 -4.29 -26.34
C ALA A 356 -14.65 -3.53 -25.10
N ALA A 357 -15.54 -3.58 -24.10
CA ALA A 357 -15.33 -2.91 -22.84
C ALA A 357 -14.06 -3.42 -22.13
N LEU A 358 -13.91 -4.74 -22.09
CA LEU A 358 -12.77 -5.31 -21.39
C LEU A 358 -11.47 -4.94 -22.10
N ALA A 359 -11.47 -5.06 -23.41
CA ALA A 359 -10.30 -4.69 -24.22
C ALA A 359 -9.93 -3.23 -24.03
N GLN A 360 -10.93 -2.35 -24.05
CA GLN A 360 -10.68 -0.92 -23.87
C GLN A 360 -10.16 -0.52 -22.48
N ILE A 361 -10.53 -1.25 -21.45
CA ILE A 361 -10.06 -0.95 -20.10
C ILE A 361 -8.67 -1.57 -19.81
N SER A 362 -8.52 -2.83 -20.24
CA SER A 362 -7.36 -3.67 -19.87
C SER A 362 -6.19 -3.61 -20.86
N GLY A 363 -6.50 -3.37 -22.14
CA GLY A 363 -5.48 -3.40 -23.20
C GLY A 363 -5.28 -4.76 -23.83
N LEU A 364 -6.01 -5.76 -23.35
CA LEU A 364 -6.00 -7.06 -24.03
C LEU A 364 -6.66 -6.95 -25.39
N ASP A 365 -6.13 -7.63 -26.41
CA ASP A 365 -6.69 -7.64 -27.77
C ASP A 365 -8.14 -8.17 -27.71
N ALA A 366 -9.08 -7.43 -28.28
CA ALA A 366 -10.51 -7.84 -28.20
C ALA A 366 -10.74 -9.21 -28.84
N ASN A 367 -9.88 -9.58 -29.80
CA ASN A 367 -9.97 -10.88 -30.50
C ASN A 367 -9.34 -12.06 -29.74
N SER A 368 -8.66 -11.79 -28.64
CA SER A 368 -7.86 -12.82 -27.98
C SER A 368 -8.69 -13.92 -27.30
N GLU A 369 -8.07 -15.09 -27.11
CA GLU A 369 -8.71 -16.16 -26.36
C GLU A 369 -8.98 -15.76 -24.94
N VAL A 370 -8.06 -15.03 -24.27
CA VAL A 370 -8.34 -14.65 -22.89
C VAL A 370 -9.54 -13.74 -22.78
N VAL A 371 -9.69 -12.83 -23.74
CA VAL A 371 -10.85 -11.95 -23.70
C VAL A 371 -12.11 -12.79 -23.90
N SER A 372 -12.04 -13.72 -24.85
CA SER A 372 -13.14 -14.68 -25.11
C SER A 372 -13.54 -15.41 -23.81
N GLU A 373 -12.54 -15.92 -23.08
CA GLU A 373 -12.77 -16.67 -21.83
C GLU A 373 -13.42 -15.76 -20.80
N ALA A 374 -12.92 -14.51 -20.69
CA ALA A 374 -13.48 -13.60 -19.70
C ALA A 374 -14.95 -13.25 -20.01
N VAL A 375 -15.26 -13.06 -21.29
CA VAL A 375 -16.63 -12.70 -21.69
C VAL A 375 -17.59 -13.87 -21.36
N THR A 376 -17.20 -15.09 -21.69
CA THR A 376 -17.95 -16.30 -21.27
C THR A 376 -18.25 -16.31 -19.76
N ALA A 377 -17.20 -16.09 -18.96
CA ALA A 377 -17.30 -16.07 -17.53
C ALA A 377 -18.20 -14.95 -17.04
N TYR A 378 -18.11 -13.78 -17.69
CA TYR A 378 -18.94 -12.63 -17.36
C TYR A 378 -20.43 -12.99 -17.59
N LYS A 379 -20.68 -13.61 -18.74
CA LYS A 379 -22.04 -13.99 -19.12
C LYS A 379 -22.59 -15.03 -18.14
N ALA A 380 -21.73 -15.95 -17.72
CA ALA A 380 -22.12 -17.01 -16.79
C ALA A 380 -22.51 -16.49 -15.41
N GLN A 382 -24.22 -13.66 -14.71
CA GLN A 382 -25.44 -12.84 -14.63
C GLN A 382 -26.72 -13.67 -14.49
#